data_1FVU
#
_entry.id   1FVU
#
_cell.length_a   64.829
_cell.length_b   69.666
_cell.length_c   103.509
_cell.angle_alpha   90.00
_cell.angle_beta   90.00
_cell.angle_gamma   90.00
#
_symmetry.space_group_name_H-M   'P 21 21 21'
#
loop_
_entity.id
_entity.type
_entity.pdbx_description
1 polymer 'BOTROCETIN ALPHA CHAIN'
2 polymer 'BOTROCETIN BETA CHAIN'
3 non-polymer 'MAGNESIUM ION'
4 water water
#
loop_
_entity_poly.entity_id
_entity_poly.type
_entity_poly.pdbx_seq_one_letter_code
_entity_poly.pdbx_strand_id
1 'polypeptide(L)'
;DCPSGWSSYEGNCYKFFQQKMNWADAERFCSEQAKGGHLVSIKIYSKEKDFVGDLVTKNIQSSDLYAWIGLRVENKEKQC
SSEWSDGSSVSYENVVERTVKKCFALEKDLGFVLWINLYCAQKNPFVCKSPPP
;
A,C
2 'polypeptide(L)'
;DCPPDWSSYEGHCYRFFKEWMHWDDAEEFCTEQQTGAHLVSFQSKEEADFVRSLTSEMLKGDVVWIGLSDVWNKCRFEWT
DGMEFDYDDYYLIAEYECVASKPTNNKWWIIPCTRFKNFVCEFQA
;
B,D
#
# COMPACT_ATOMS: atom_id res chain seq x y z
N ASP A 1 13.46 12.96 35.89
CA ASP A 1 13.56 11.53 36.32
C ASP A 1 12.35 10.77 35.79
N CYS A 2 12.44 9.44 35.83
CA CYS A 2 11.35 8.59 35.36
C CYS A 2 11.39 7.29 36.15
N PRO A 3 10.24 6.60 36.26
CA PRO A 3 10.26 5.34 37.00
C PRO A 3 11.02 4.28 36.22
N SER A 4 11.44 3.22 36.91
CA SER A 4 12.17 2.13 36.30
C SER A 4 11.42 1.55 35.10
N GLY A 5 12.12 1.41 33.98
CA GLY A 5 11.50 0.86 32.78
C GLY A 5 11.07 1.92 31.77
N TRP A 6 10.87 3.14 32.27
CA TRP A 6 10.46 4.25 31.41
C TRP A 6 11.67 5.09 31.04
N SER A 7 11.71 5.57 29.81
CA SER A 7 12.82 6.39 29.34
C SER A 7 12.42 7.87 29.32
N SER A 8 13.31 8.70 29.83
CA SER A 8 13.06 10.13 29.92
C SER A 8 13.50 10.91 28.68
N TYR A 9 12.69 11.90 28.31
CA TYR A 9 12.97 12.77 27.18
C TYR A 9 12.20 14.07 27.35
N GLU A 10 12.93 15.18 27.34
CA GLU A 10 12.35 16.51 27.50
C GLU A 10 11.41 16.63 28.69
N GLY A 11 11.77 15.99 29.80
CA GLY A 11 10.95 16.09 30.99
C GLY A 11 9.78 15.14 31.13
N ASN A 12 9.55 14.32 30.11
CA ASN A 12 8.44 13.37 30.18
C ASN A 12 8.97 11.94 30.14
N CYS A 13 8.09 10.98 30.41
CA CYS A 13 8.50 9.58 30.41
C CYS A 13 7.82 8.72 29.36
N TYR A 14 8.63 7.94 28.65
CA TYR A 14 8.16 7.09 27.56
C TYR A 14 8.47 5.60 27.78
N LYS A 15 7.58 4.73 27.30
CA LYS A 15 7.80 3.30 27.42
C LYS A 15 7.09 2.47 26.36
N PHE A 16 7.87 1.61 25.70
CA PHE A 16 7.35 0.71 24.67
C PHE A 16 6.82 -0.54 25.36
N PHE A 17 5.61 -0.95 25.00
CA PHE A 17 5.01 -2.15 25.57
C PHE A 17 4.85 -3.21 24.47
N GLN A 18 5.24 -4.45 24.79
CA GLN A 18 5.16 -5.56 23.85
C GLN A 18 3.81 -6.28 23.84
N GLN A 19 3.00 -6.07 24.87
CA GLN A 19 1.70 -6.72 24.90
C GLN A 19 0.90 -6.15 23.74
N LYS A 20 0.28 -7.03 22.96
CA LYS A 20 -0.51 -6.57 21.82
C LYS A 20 -1.93 -6.27 22.27
N MET A 21 -2.38 -5.06 21.96
CA MET A 21 -3.72 -4.60 22.32
C MET A 21 -4.28 -3.76 21.18
N ASN A 22 -5.60 -3.65 21.09
CA ASN A 22 -6.17 -2.82 20.05
C ASN A 22 -5.91 -1.37 20.48
N TRP A 23 -6.08 -0.43 19.56
CA TRP A 23 -5.82 0.97 19.84
C TRP A 23 -6.46 1.51 21.12
N ALA A 24 -7.76 1.34 21.27
CA ALA A 24 -8.47 1.85 22.44
C ALA A 24 -8.00 1.24 23.77
N ASP A 25 -7.77 -0.07 23.79
CA ASP A 25 -7.31 -0.71 25.01
C ASP A 25 -5.91 -0.23 25.38
N ALA A 26 -5.10 0.04 24.36
CA ALA A 26 -3.74 0.53 24.59
C ALA A 26 -3.80 1.92 25.23
N GLU A 27 -4.70 2.78 24.74
CA GLU A 27 -4.83 4.11 25.30
C GLU A 27 -5.29 3.99 26.75
N ARG A 28 -6.29 3.15 26.98
CA ARG A 28 -6.80 2.94 28.33
C ARG A 28 -5.67 2.42 29.21
N PHE A 29 -4.92 1.45 28.70
CA PHE A 29 -3.81 0.89 29.46
C PHE A 29 -2.80 1.99 29.83
N CYS A 30 -2.36 2.76 28.85
CA CYS A 30 -1.42 3.85 29.11
C CYS A 30 -1.92 4.79 30.19
N SER A 31 -3.23 5.05 30.21
CA SER A 31 -3.79 5.97 31.20
C SER A 31 -3.76 5.43 32.62
N GLU A 32 -3.64 4.12 32.75
CA GLU A 32 -3.60 3.50 34.07
C GLU A 32 -2.18 3.29 34.59
N GLN A 33 -1.20 3.20 33.69
CA GLN A 33 0.18 2.99 34.08
C GLN A 33 0.78 4.18 34.84
N ALA A 34 0.20 5.36 34.64
CA ALA A 34 0.67 6.57 35.30
C ALA A 34 -0.35 7.69 35.10
N LYS A 35 -0.47 8.55 36.11
CA LYS A 35 -1.40 9.67 36.02
C LYS A 35 -0.98 10.52 34.84
N GLY A 36 -1.97 10.93 34.03
CA GLY A 36 -1.67 11.74 32.86
C GLY A 36 -1.12 10.92 31.70
N GLY A 37 -1.01 9.61 31.89
CA GLY A 37 -0.50 8.75 30.84
C GLY A 37 -1.46 8.61 29.66
N HIS A 38 -0.89 8.55 28.46
CA HIS A 38 -1.65 8.41 27.21
C HIS A 38 -0.80 7.66 26.20
N LEU A 39 -1.38 7.32 25.05
CA LEU A 39 -0.63 6.69 23.98
C LEU A 39 0.22 7.89 23.57
N VAL A 40 1.46 7.65 23.17
CA VAL A 40 2.35 8.74 22.81
C VAL A 40 1.81 9.65 21.70
N SER A 41 2.05 10.96 21.87
CA SER A 41 1.68 11.93 20.86
C SER A 41 3.06 12.36 20.36
N ILE A 42 3.15 12.86 19.13
CA ILE A 42 4.44 13.22 18.58
C ILE A 42 4.51 14.55 17.86
N LYS A 43 5.35 15.44 18.37
CA LYS A 43 5.57 16.74 17.77
C LYS A 43 6.63 16.46 16.71
N ILE A 44 6.16 15.97 15.57
CA ILE A 44 6.99 15.58 14.44
C ILE A 44 7.96 16.61 13.91
N TYR A 45 7.98 17.80 14.50
CA TYR A 45 8.89 18.86 14.08
C TYR A 45 10.03 19.02 15.07
N SER A 46 10.09 18.12 16.05
CA SER A 46 11.13 18.15 17.07
C SER A 46 11.81 16.79 17.12
N LYS A 47 12.81 16.65 17.96
CA LYS A 47 13.54 15.39 18.08
C LYS A 47 12.75 14.32 18.84
N GLU A 48 11.50 14.61 19.16
CA GLU A 48 10.67 13.64 19.88
C GLU A 48 10.42 12.41 19.01
N LYS A 49 10.18 12.61 17.72
CA LYS A 49 9.93 11.46 16.86
C LYS A 49 11.18 10.60 16.73
N ASP A 50 12.34 11.24 16.65
CA ASP A 50 13.60 10.52 16.55
C ASP A 50 13.79 9.68 17.80
N PHE A 51 13.49 10.28 18.95
CA PHE A 51 13.63 9.60 20.23
C PHE A 51 12.68 8.41 20.30
N VAL A 52 11.41 8.64 19.93
CA VAL A 52 10.41 7.59 19.97
C VAL A 52 10.72 6.48 18.96
N GLY A 53 11.22 6.85 17.80
CA GLY A 53 11.56 5.85 16.80
C GLY A 53 12.68 4.98 17.34
N ASP A 54 13.71 5.62 17.89
CA ASP A 54 14.85 4.91 18.48
C ASP A 54 14.42 4.01 19.61
N LEU A 55 13.52 4.52 20.46
CA LEU A 55 13.02 3.77 21.59
C LEU A 55 12.35 2.48 21.15
N VAL A 56 11.53 2.57 20.11
CA VAL A 56 10.83 1.39 19.61
C VAL A 56 11.81 0.40 18.98
N THR A 57 12.68 0.90 18.12
CA THR A 57 13.66 0.06 17.44
C THR A 57 14.50 -0.73 18.44
N LYS A 58 15.01 -0.03 19.45
CA LYS A 58 15.86 -0.65 20.47
C LYS A 58 15.17 -1.62 21.41
N ASN A 59 13.92 -1.33 21.79
CA ASN A 59 13.20 -2.18 22.72
C ASN A 59 12.18 -3.13 22.12
N ILE A 60 11.88 -2.99 20.83
CA ILE A 60 10.91 -3.89 20.24
C ILE A 60 11.53 -5.25 20.05
N GLN A 61 10.69 -6.27 20.15
CA GLN A 61 11.11 -7.65 20.01
C GLN A 61 9.98 -8.40 19.34
N SER A 62 10.15 -8.62 18.05
CA SER A 62 9.17 -9.30 17.22
C SER A 62 9.40 -8.78 15.82
N SER A 63 8.69 -9.36 14.86
CA SER A 63 8.81 -8.92 13.49
C SER A 63 7.73 -7.85 13.30
N ASP A 64 7.03 -7.56 14.39
CA ASP A 64 5.95 -6.58 14.38
C ASP A 64 6.30 -5.35 13.56
N LEU A 65 5.38 -4.99 12.68
CA LEU A 65 5.57 -3.85 11.80
C LEU A 65 4.98 -2.57 12.38
N TYR A 66 4.08 -2.69 13.34
CA TYR A 66 3.42 -1.53 13.92
C TYR A 66 3.42 -1.37 15.45
N ALA A 67 3.37 -0.12 15.89
CA ALA A 67 3.31 0.24 17.30
C ALA A 67 2.35 1.42 17.36
N TRP A 68 1.25 1.26 18.08
CA TRP A 68 0.24 2.31 18.19
C TRP A 68 0.74 3.62 18.79
N ILE A 69 0.18 4.73 18.30
CA ILE A 69 0.49 6.05 18.85
C ILE A 69 -0.89 6.67 19.10
N GLY A 70 -0.93 7.81 19.79
CA GLY A 70 -2.21 8.41 20.14
C GLY A 70 -3.02 9.21 19.13
N LEU A 71 -2.83 8.98 17.84
CA LEU A 71 -3.58 9.71 16.82
C LEU A 71 -4.69 8.86 16.20
N ARG A 72 -5.87 9.45 16.05
CA ARG A 72 -7.00 8.73 15.47
C ARG A 72 -7.88 9.67 14.66
N VAL A 73 -8.65 9.11 13.74
CA VAL A 73 -9.56 9.92 12.94
C VAL A 73 -10.71 10.27 13.87
N GLU A 74 -11.09 11.54 13.91
CA GLU A 74 -12.16 11.99 14.77
C GLU A 74 -13.55 11.79 14.14
N ASN A 75 -13.63 11.87 12.81
CA ASN A 75 -14.89 11.70 12.09
C ASN A 75 -15.66 10.47 12.51
N LYS A 76 -16.98 10.60 12.61
CA LYS A 76 -17.83 9.49 12.99
C LYS A 76 -18.19 8.61 11.79
N GLU A 77 -18.23 9.22 10.60
CA GLU A 77 -18.54 8.48 9.37
C GLU A 77 -17.49 7.40 9.12
N LYS A 78 -17.83 6.37 8.35
CA LYS A 78 -16.89 5.29 8.05
C LYS A 78 -15.64 5.78 7.32
N GLN A 79 -15.83 6.69 6.38
CA GLN A 79 -14.72 7.27 5.63
C GLN A 79 -15.05 8.76 5.45
N CYS A 80 -14.02 9.57 5.20
CA CYS A 80 -14.22 11.02 5.12
C CYS A 80 -14.55 11.74 3.83
N SER A 81 -14.71 11.03 2.73
CA SER A 81 -15.07 11.69 1.48
C SER A 81 -16.59 11.91 1.47
N SER A 82 -17.01 13.17 1.56
CA SER A 82 -18.43 13.51 1.58
C SER A 82 -19.04 13.69 0.19
N GLU A 83 -18.20 13.78 -0.83
CA GLU A 83 -18.67 13.94 -2.20
C GLU A 83 -18.05 12.91 -3.14
N TRP A 84 -18.83 12.46 -4.11
CA TRP A 84 -18.37 11.51 -5.12
C TRP A 84 -17.53 12.31 -6.10
N SER A 85 -16.76 11.64 -6.96
CA SER A 85 -15.93 12.37 -7.91
C SER A 85 -16.79 13.19 -8.88
N ASP A 86 -18.09 12.90 -8.94
CA ASP A 86 -18.98 13.64 -9.83
C ASP A 86 -19.67 14.81 -9.11
N GLY A 87 -19.24 15.09 -7.88
CA GLY A 87 -19.82 16.20 -7.13
C GLY A 87 -21.01 15.84 -6.26
N SER A 88 -21.56 14.65 -6.47
CA SER A 88 -22.71 14.14 -5.72
C SER A 88 -22.37 14.01 -4.24
N SER A 89 -23.35 14.24 -3.39
CA SER A 89 -23.13 14.10 -1.95
C SER A 89 -23.22 12.61 -1.62
N VAL A 90 -22.43 12.16 -0.67
CA VAL A 90 -22.44 10.77 -0.24
C VAL A 90 -23.50 10.57 0.84
N SER A 91 -24.42 9.67 0.59
CA SER A 91 -25.45 9.35 1.56
C SER A 91 -25.45 7.83 1.68
N TYR A 92 -25.89 7.18 0.62
CA TYR A 92 -25.93 5.73 0.57
C TYR A 92 -24.49 5.21 0.58
N GLU A 93 -24.21 4.23 1.45
CA GLU A 93 -22.88 3.65 1.55
C GLU A 93 -22.95 2.25 2.13
N ASN A 94 -22.04 1.38 1.73
CA ASN A 94 -22.00 0.02 2.25
C ASN A 94 -20.53 -0.37 2.41
N VAL A 95 -19.82 0.41 3.21
CA VAL A 95 -18.40 0.18 3.45
C VAL A 95 -18.15 -0.97 4.42
N VAL A 96 -17.19 -1.82 4.06
CA VAL A 96 -16.78 -2.96 4.87
C VAL A 96 -16.02 -2.45 6.10
N GLU A 97 -16.50 -2.82 7.30
CA GLU A 97 -15.89 -2.35 8.53
C GLU A 97 -14.40 -2.62 8.70
N ARG A 98 -13.92 -3.78 8.27
CA ARG A 98 -12.50 -4.06 8.46
C ARG A 98 -11.59 -3.23 7.57
N THR A 99 -12.14 -2.54 6.57
CA THR A 99 -11.30 -1.70 5.72
C THR A 99 -11.24 -0.27 6.24
N VAL A 100 -11.96 0.01 7.32
CA VAL A 100 -11.95 1.35 7.92
C VAL A 100 -10.66 1.42 8.75
N LYS A 101 -9.83 2.43 8.47
CA LYS A 101 -8.55 2.57 9.16
C LYS A 101 -8.42 3.95 9.82
N LYS A 102 -8.88 4.05 11.06
CA LYS A 102 -8.86 5.32 11.77
C LYS A 102 -7.80 5.49 12.85
N CYS A 103 -7.04 4.43 13.14
CA CYS A 103 -6.03 4.48 14.19
C CYS A 103 -4.61 4.44 13.64
N PHE A 104 -3.78 5.39 14.09
CA PHE A 104 -2.41 5.48 13.62
C PHE A 104 -1.37 4.74 14.47
N ALA A 105 -0.32 4.27 13.79
CA ALA A 105 0.78 3.57 14.43
C ALA A 105 2.08 3.92 13.74
N LEU A 106 3.19 3.66 14.41
CA LEU A 106 4.49 3.91 13.83
C LEU A 106 4.81 2.68 13.00
N GLU A 107 5.38 2.87 11.82
CA GLU A 107 5.70 1.76 10.94
C GLU A 107 7.18 1.39 11.03
N LYS A 108 7.47 0.09 11.02
CA LYS A 108 8.83 -0.40 11.10
C LYS A 108 9.73 0.21 10.03
N ASP A 109 9.25 0.22 8.79
CA ASP A 109 10.02 0.78 7.69
C ASP A 109 10.39 2.24 7.96
N LEU A 110 11.64 2.59 7.64
CA LEU A 110 12.17 3.93 7.82
C LEU A 110 12.49 4.24 9.30
N GLY A 111 12.35 3.24 10.16
CA GLY A 111 12.69 3.41 11.56
C GLY A 111 11.65 3.86 12.58
N PHE A 112 10.38 3.50 12.39
CA PHE A 112 9.33 3.88 13.33
C PHE A 112 9.26 5.39 13.57
N VAL A 113 9.38 6.16 12.49
CA VAL A 113 9.31 7.61 12.57
C VAL A 113 8.15 8.09 11.69
N LEU A 114 7.74 7.23 10.77
CA LEU A 114 6.62 7.53 9.88
C LEU A 114 5.39 6.79 10.38
N TRP A 115 4.23 7.41 10.21
CA TRP A 115 2.97 6.83 10.68
C TRP A 115 2.16 6.20 9.56
N ILE A 116 1.18 5.40 9.96
CA ILE A 116 0.27 4.74 9.02
C ILE A 116 -1.03 4.49 9.76
N ASN A 117 -2.17 4.69 9.09
CA ASN A 117 -3.45 4.45 9.74
C ASN A 117 -3.87 3.01 9.47
N LEU A 118 -4.39 2.36 10.51
CA LEU A 118 -4.80 0.97 10.43
C LEU A 118 -6.18 0.74 11.04
N TYR A 119 -6.71 -0.46 10.80
CA TYR A 119 -8.00 -0.87 11.35
C TYR A 119 -7.81 -0.86 12.87
N CYS A 120 -8.59 -0.05 13.57
CA CYS A 120 -8.47 0.08 15.02
C CYS A 120 -8.58 -1.18 15.87
N ALA A 121 -9.21 -2.22 15.32
CA ALA A 121 -9.36 -3.48 16.06
C ALA A 121 -8.13 -4.37 16.01
N GLN A 122 -7.12 -3.97 15.23
CA GLN A 122 -5.88 -4.72 15.14
C GLN A 122 -5.19 -4.68 16.49
N LYS A 123 -4.41 -5.71 16.80
CA LYS A 123 -3.67 -5.76 18.06
C LYS A 123 -2.20 -5.56 17.75
N ASN A 124 -1.62 -4.51 18.31
CA ASN A 124 -0.21 -4.19 18.10
C ASN A 124 0.45 -3.71 19.39
N PRO A 125 1.79 -3.77 19.44
CA PRO A 125 2.46 -3.29 20.66
C PRO A 125 2.30 -1.79 20.59
N PHE A 126 2.68 -1.06 21.64
CA PHE A 126 2.49 0.39 21.63
C PHE A 126 3.47 1.16 22.50
N VAL A 127 3.37 2.48 22.41
CA VAL A 127 4.22 3.37 23.19
C VAL A 127 3.36 4.30 24.05
N CYS A 128 3.68 4.39 25.32
CA CYS A 128 2.96 5.25 26.25
C CYS A 128 3.81 6.46 26.62
N LYS A 129 3.15 7.55 26.99
CA LYS A 129 3.82 8.76 27.41
C LYS A 129 3.10 9.30 28.64
N SER A 130 3.87 9.66 29.66
CA SER A 130 3.27 10.18 30.88
C SER A 130 4.15 11.27 31.45
N PRO A 131 3.58 12.14 32.30
CA PRO A 131 4.38 13.22 32.90
C PRO A 131 5.33 12.58 33.89
N PRO A 132 6.39 13.30 34.28
CA PRO A 132 7.35 12.73 35.23
C PRO A 132 6.68 12.37 36.55
N PRO A 133 7.31 11.49 37.34
CA PRO A 133 6.71 11.10 38.62
C PRO A 133 6.72 12.25 39.64
N ASP B 1 -30.71 7.37 -25.33
CA ASP B 1 -29.82 6.79 -26.39
C ASP B 1 -28.37 7.08 -26.09
N CYS B 2 -27.78 6.27 -25.22
CA CYS B 2 -26.39 6.42 -24.83
C CYS B 2 -25.44 6.11 -25.98
N PRO B 3 -24.17 6.52 -25.86
CA PRO B 3 -23.19 6.26 -26.92
C PRO B 3 -23.06 4.75 -27.13
N PRO B 4 -22.36 4.33 -28.20
CA PRO B 4 -22.19 2.90 -28.47
C PRO B 4 -21.75 2.06 -27.27
N ASP B 5 -22.49 1.01 -26.99
CA ASP B 5 -22.22 0.07 -25.90
C ASP B 5 -22.48 0.55 -24.46
N TRP B 6 -22.93 1.78 -24.30
CA TRP B 6 -23.25 2.29 -22.96
C TRP B 6 -24.69 1.89 -22.63
N SER B 7 -24.98 1.64 -21.37
CA SER B 7 -26.33 1.23 -20.96
C SER B 7 -27.09 2.33 -20.22
N SER B 8 -28.39 2.42 -20.46
CA SER B 8 -29.22 3.42 -19.83
C SER B 8 -29.91 2.94 -18.55
N TYR B 9 -30.04 3.85 -17.58
CA TYR B 9 -30.71 3.58 -16.32
C TYR B 9 -31.12 4.92 -15.72
N GLU B 10 -32.44 5.06 -15.52
CA GLU B 10 -33.02 6.28 -14.98
C GLU B 10 -32.34 7.56 -15.48
N GLY B 11 -32.22 7.65 -16.81
CA GLY B 11 -31.64 8.82 -17.42
C GLY B 11 -30.13 8.80 -17.66
N HIS B 12 -29.38 8.24 -16.72
CA HIS B 12 -27.92 8.18 -16.83
C HIS B 12 -27.41 7.09 -17.76
N CYS B 13 -26.17 7.23 -18.19
CA CYS B 13 -25.52 6.24 -19.07
C CYS B 13 -24.37 5.63 -18.30
N TYR B 14 -24.22 4.31 -18.43
CA TYR B 14 -23.15 3.61 -17.73
C TYR B 14 -22.37 2.69 -18.66
N ARG B 15 -21.14 2.37 -18.27
CA ARG B 15 -20.32 1.47 -19.06
C ARG B 15 -19.20 0.86 -18.24
N PHE B 16 -19.15 -0.46 -18.25
CA PHE B 16 -18.10 -1.19 -17.53
C PHE B 16 -16.90 -1.32 -18.47
N PHE B 17 -15.71 -1.01 -17.97
CA PHE B 17 -14.50 -1.12 -18.77
C PHE B 17 -13.59 -2.21 -18.21
N LYS B 18 -13.22 -3.17 -19.05
CA LYS B 18 -12.36 -4.24 -18.59
C LYS B 18 -10.91 -3.88 -18.79
N GLU B 19 -10.55 -2.68 -18.38
CA GLU B 19 -9.18 -2.23 -18.49
C GLU B 19 -8.71 -2.12 -17.04
N TRP B 20 -7.42 -2.33 -16.81
CA TRP B 20 -6.89 -2.26 -15.46
C TRP B 20 -6.16 -0.96 -15.23
N MET B 21 -6.72 -0.09 -14.39
CA MET B 21 -6.11 1.18 -14.10
C MET B 21 -6.15 1.52 -12.62
N HIS B 22 -5.21 2.35 -12.17
CA HIS B 22 -5.25 2.74 -10.76
C HIS B 22 -6.37 3.78 -10.70
N TRP B 23 -6.84 4.12 -9.50
CA TRP B 23 -7.97 5.03 -9.38
C TRP B 23 -7.91 6.34 -10.15
N ASP B 24 -6.81 7.08 -10.01
CA ASP B 24 -6.69 8.36 -10.71
C ASP B 24 -6.78 8.22 -12.22
N ASP B 25 -6.18 7.17 -12.77
CA ASP B 25 -6.21 6.94 -14.21
C ASP B 25 -7.61 6.54 -14.67
N ALA B 26 -8.30 5.74 -13.87
CA ALA B 26 -9.64 5.32 -14.24
C ALA B 26 -10.60 6.51 -14.24
N GLU B 27 -10.53 7.35 -13.20
CA GLU B 27 -11.38 8.53 -13.13
C GLU B 27 -11.05 9.40 -14.34
N GLU B 28 -9.77 9.64 -14.57
CA GLU B 28 -9.35 10.46 -15.71
C GLU B 28 -9.88 9.86 -17.01
N PHE B 29 -9.71 8.54 -17.17
CA PHE B 29 -10.16 7.85 -18.37
C PHE B 29 -11.65 8.08 -18.61
N CYS B 30 -12.43 8.00 -17.55
CA CYS B 30 -13.88 8.23 -17.67
C CYS B 30 -14.16 9.64 -18.21
N THR B 31 -13.50 10.65 -17.65
CA THR B 31 -13.74 12.02 -18.10
C THR B 31 -13.42 12.23 -19.58
N GLU B 32 -12.57 11.37 -20.13
CA GLU B 32 -12.16 11.48 -21.53
C GLU B 32 -13.08 10.75 -22.51
N GLN B 33 -13.90 9.83 -22.01
CA GLN B 33 -14.79 9.07 -22.86
C GLN B 33 -16.01 9.88 -23.29
N GLN B 34 -16.56 10.66 -22.38
CA GLN B 34 -17.72 11.49 -22.66
C GLN B 34 -17.71 12.75 -21.80
N THR B 35 -18.15 13.87 -22.38
CA THR B 35 -18.20 15.14 -21.66
C THR B 35 -19.01 15.02 -20.38
N GLY B 36 -18.39 15.31 -19.25
CA GLY B 36 -19.08 15.24 -17.98
C GLY B 36 -19.14 13.86 -17.33
N ALA B 37 -18.41 12.90 -17.87
CA ALA B 37 -18.42 11.56 -17.30
C ALA B 37 -17.38 11.43 -16.18
N HIS B 38 -17.64 10.50 -15.26
CA HIS B 38 -16.77 10.25 -14.11
C HIS B 38 -16.95 8.79 -13.75
N LEU B 39 -16.24 8.35 -12.71
CA LEU B 39 -16.42 6.98 -12.25
C LEU B 39 -17.83 6.97 -11.67
N VAL B 40 -18.44 5.80 -11.65
CA VAL B 40 -19.80 5.66 -11.14
C VAL B 40 -20.00 6.11 -9.68
N SER B 41 -21.18 6.67 -9.41
CA SER B 41 -21.57 7.09 -8.06
C SER B 41 -22.88 6.38 -7.71
N PHE B 42 -22.97 5.78 -6.52
CA PHE B 42 -24.20 5.07 -6.12
C PHE B 42 -25.04 5.88 -5.15
N GLN B 43 -26.24 6.25 -5.57
CA GLN B 43 -27.14 7.04 -4.71
C GLN B 43 -28.17 6.12 -4.08
N SER B 44 -28.18 4.85 -4.50
CA SER B 44 -29.13 3.88 -3.97
C SER B 44 -28.67 2.45 -4.22
N LYS B 45 -29.36 1.50 -3.61
CA LYS B 45 -29.02 0.10 -3.79
C LYS B 45 -29.48 -0.34 -5.17
N GLU B 46 -30.59 0.24 -5.63
CA GLU B 46 -31.13 -0.10 -6.94
C GLU B 46 -30.10 0.21 -8.04
N GLU B 47 -29.48 1.38 -7.94
CA GLU B 47 -28.48 1.79 -8.90
C GLU B 47 -27.32 0.79 -8.89
N ALA B 48 -26.96 0.31 -7.69
CA ALA B 48 -25.88 -0.66 -7.56
C ALA B 48 -26.33 -1.98 -8.21
N ASP B 49 -27.58 -2.36 -7.99
CA ASP B 49 -28.11 -3.59 -8.56
C ASP B 49 -28.01 -3.55 -10.07
N PHE B 50 -28.27 -2.38 -10.66
CA PHE B 50 -28.19 -2.24 -12.10
C PHE B 50 -26.76 -2.38 -12.60
N VAL B 51 -25.84 -1.65 -11.96
CA VAL B 51 -24.44 -1.68 -12.36
C VAL B 51 -23.87 -3.09 -12.29
N ARG B 52 -24.31 -3.87 -11.30
CA ARG B 52 -23.84 -5.25 -11.13
C ARG B 52 -24.03 -6.07 -12.40
N SER B 53 -25.08 -5.77 -13.17
CA SER B 53 -25.37 -6.50 -14.40
C SER B 53 -24.42 -6.18 -15.54
N LEU B 54 -23.55 -5.19 -15.33
CA LEU B 54 -22.60 -4.80 -16.37
C LEU B 54 -21.20 -5.38 -16.14
N THR B 55 -20.96 -5.94 -14.96
CA THR B 55 -19.64 -6.45 -14.60
C THR B 55 -19.29 -7.93 -14.78
N SER B 56 -20.15 -8.71 -15.45
CA SER B 56 -19.89 -10.13 -15.63
C SER B 56 -18.48 -10.50 -16.14
N GLU B 57 -17.92 -9.68 -17.02
CA GLU B 57 -16.60 -9.94 -17.58
C GLU B 57 -15.42 -9.74 -16.64
N MET B 58 -15.68 -9.36 -15.39
CA MET B 58 -14.61 -9.13 -14.43
C MET B 58 -14.14 -10.43 -13.79
N LEU B 59 -12.97 -10.39 -13.16
CA LEU B 59 -12.42 -11.55 -12.47
C LEU B 59 -13.37 -11.79 -11.29
N LYS B 60 -13.94 -12.99 -11.19
CA LYS B 60 -14.86 -13.28 -10.11
C LYS B 60 -14.21 -13.06 -8.75
N GLY B 61 -14.90 -12.37 -7.85
CA GLY B 61 -14.36 -12.12 -6.54
C GLY B 61 -13.58 -10.82 -6.43
N ASP B 62 -13.27 -10.21 -7.57
CA ASP B 62 -12.55 -8.96 -7.57
C ASP B 62 -13.52 -7.81 -7.40
N VAL B 63 -13.01 -6.59 -7.41
CA VAL B 63 -13.84 -5.41 -7.24
C VAL B 63 -13.59 -4.39 -8.35
N VAL B 64 -14.50 -3.43 -8.49
CA VAL B 64 -14.37 -2.40 -9.51
C VAL B 64 -14.33 -1.02 -8.85
N TRP B 65 -13.53 -0.12 -9.40
CA TRP B 65 -13.42 1.23 -8.86
C TRP B 65 -14.73 2.00 -8.98
N ILE B 66 -15.09 2.73 -7.93
CA ILE B 66 -16.27 3.60 -7.99
C ILE B 66 -15.75 5.00 -7.59
N GLY B 67 -16.59 6.02 -7.73
CA GLY B 67 -16.18 7.39 -7.48
C GLY B 67 -15.84 8.01 -6.13
N LEU B 68 -15.12 7.30 -5.28
CA LEU B 68 -14.72 7.86 -3.98
C LEU B 68 -13.20 7.69 -3.84
N SER B 69 -12.50 8.80 -3.59
CA SER B 69 -11.04 8.74 -3.48
C SER B 69 -10.48 9.51 -2.29
N ASP B 70 -9.23 9.21 -1.95
CA ASP B 70 -8.50 9.84 -0.85
C ASP B 70 -9.40 10.00 0.36
N VAL B 71 -10.03 8.90 0.74
CA VAL B 71 -10.98 8.91 1.84
C VAL B 71 -10.44 9.17 3.24
N TRP B 72 -9.11 9.08 3.43
CA TRP B 72 -8.53 9.31 4.76
C TRP B 72 -7.90 10.68 4.95
N ASN B 73 -7.34 11.24 3.89
CA ASN B 73 -6.70 12.54 4.01
C ASN B 73 -7.69 13.69 3.97
N LYS B 74 -8.98 13.36 4.12
CA LYS B 74 -10.02 14.37 4.12
C LYS B 74 -10.65 14.38 5.50
N CYS B 75 -10.04 13.62 6.42
CA CYS B 75 -10.52 13.52 7.80
C CYS B 75 -9.92 14.56 8.72
N ARG B 76 -10.52 14.67 9.90
CA ARG B 76 -10.02 15.55 10.95
C ARG B 76 -9.31 14.56 11.87
N PHE B 77 -8.22 14.97 12.50
CA PHE B 77 -7.49 14.07 13.39
C PHE B 77 -7.30 14.68 14.78
N GLU B 78 -7.16 13.83 15.79
CA GLU B 78 -6.97 14.31 17.15
C GLU B 78 -6.09 13.37 17.96
N TRP B 79 -5.33 13.93 18.89
CA TRP B 79 -4.45 13.14 19.74
C TRP B 79 -5.19 12.83 21.04
N THR B 80 -4.94 11.67 21.61
CA THR B 80 -5.64 11.33 22.83
C THR B 80 -5.25 12.21 24.02
N ASP B 81 -4.08 12.84 23.97
CA ASP B 81 -3.69 13.69 25.08
C ASP B 81 -4.22 15.11 25.02
N GLY B 82 -5.00 15.43 23.99
CA GLY B 82 -5.57 16.75 23.87
C GLY B 82 -4.76 17.73 23.04
N MET B 83 -3.52 17.37 22.76
CA MET B 83 -2.65 18.21 21.96
C MET B 83 -3.28 18.39 20.59
N GLU B 84 -3.26 19.62 20.08
CA GLU B 84 -3.85 19.88 18.77
C GLU B 84 -3.06 19.22 17.65
N PHE B 85 -3.75 18.67 16.66
CA PHE B 85 -3.06 18.05 15.53
C PHE B 85 -2.57 19.15 14.59
N ASP B 86 -1.29 19.12 14.25
CA ASP B 86 -0.71 20.14 13.38
C ASP B 86 -0.81 19.81 11.90
N TYR B 87 -1.83 20.34 11.23
CA TYR B 87 -2.02 20.11 9.80
C TYR B 87 -0.94 20.87 9.03
N LEU B 92 -0.92 14.28 3.55
CA LEU B 92 0.40 13.59 3.65
C LEU B 92 0.35 12.62 4.82
N ILE B 93 -0.49 12.94 5.79
CA ILE B 93 -0.63 12.12 6.99
C ILE B 93 -1.05 10.66 6.80
N ALA B 94 -2.14 10.42 6.08
CA ALA B 94 -2.61 9.03 5.91
C ALA B 94 -2.40 8.37 4.56
N GLU B 95 -2.70 7.07 4.50
CA GLU B 95 -2.57 6.32 3.27
C GLU B 95 -3.57 6.88 2.26
N TYR B 96 -3.19 6.85 0.98
CA TYR B 96 -4.05 7.36 -0.08
C TYR B 96 -4.93 6.21 -0.59
N GLU B 97 -6.13 6.11 -0.05
CA GLU B 97 -7.04 5.03 -0.41
C GLU B 97 -8.33 5.46 -1.08
N CYS B 98 -8.86 4.53 -1.88
CA CYS B 98 -10.04 4.74 -2.70
C CYS B 98 -11.04 3.60 -2.51
N VAL B 99 -12.27 3.82 -2.97
CA VAL B 99 -13.31 2.79 -2.81
C VAL B 99 -13.59 1.98 -4.07
N ALA B 100 -13.67 0.66 -3.89
CA ALA B 100 -13.97 -0.27 -4.98
C ALA B 100 -15.14 -1.11 -4.50
N SER B 101 -16.01 -1.49 -5.42
CA SER B 101 -17.18 -2.28 -5.07
C SER B 101 -17.14 -3.71 -5.60
N LYS B 102 -17.62 -4.64 -4.78
CA LYS B 102 -17.69 -6.04 -5.17
C LYS B 102 -19.14 -6.17 -5.64
N PRO B 103 -19.33 -6.23 -6.97
CA PRO B 103 -20.65 -6.34 -7.60
C PRO B 103 -21.60 -7.41 -7.05
N THR B 104 -21.09 -8.60 -6.80
CA THR B 104 -21.92 -9.69 -6.31
C THR B 104 -22.76 -9.35 -5.07
N ASN B 105 -22.13 -8.78 -4.04
CA ASN B 105 -22.84 -8.45 -2.81
C ASN B 105 -22.90 -6.95 -2.49
N ASN B 106 -22.55 -6.12 -3.48
CA ASN B 106 -22.55 -4.67 -3.32
C ASN B 106 -21.81 -4.14 -2.10
N LYS B 107 -20.77 -4.84 -1.67
CA LYS B 107 -20.00 -4.35 -0.53
C LYS B 107 -18.84 -3.49 -1.02
N TRP B 108 -18.58 -2.39 -0.31
CA TRP B 108 -17.52 -1.46 -0.66
C TRP B 108 -16.25 -1.66 0.12
N TRP B 109 -15.14 -1.87 -0.58
CA TRP B 109 -13.86 -2.06 0.08
C TRP B 109 -12.97 -0.84 -0.12
N ILE B 110 -12.34 -0.39 0.96
CA ILE B 110 -11.44 0.77 0.90
C ILE B 110 -10.05 0.17 0.72
N ILE B 111 -9.43 0.46 -0.42
CA ILE B 111 -8.12 -0.10 -0.74
C ILE B 111 -7.15 0.93 -1.34
N PRO B 112 -5.85 0.59 -1.43
CA PRO B 112 -4.90 1.54 -2.00
C PRO B 112 -5.31 2.01 -3.40
N CYS B 113 -5.28 3.32 -3.61
CA CYS B 113 -5.68 3.84 -4.92
C CYS B 113 -4.71 3.37 -5.98
N THR B 114 -3.55 2.89 -5.53
CA THR B 114 -2.52 2.38 -6.44
C THR B 114 -2.79 0.98 -6.99
N ARG B 115 -3.90 0.37 -6.59
CA ARG B 115 -4.25 -0.95 -7.11
C ARG B 115 -4.78 -0.75 -8.52
N PHE B 116 -4.61 -1.76 -9.38
CA PHE B 116 -5.10 -1.69 -10.74
C PHE B 116 -6.38 -2.51 -10.80
N LYS B 117 -7.49 -1.85 -11.17
CA LYS B 117 -8.78 -2.54 -11.22
C LYS B 117 -9.60 -2.14 -12.43
N ASN B 118 -10.65 -2.93 -12.69
CA ASN B 118 -11.60 -2.65 -13.75
C ASN B 118 -12.47 -1.57 -13.11
N PHE B 119 -13.29 -0.90 -13.91
CA PHE B 119 -14.11 0.17 -13.39
C PHE B 119 -15.37 0.43 -14.22
N VAL B 120 -16.23 1.29 -13.70
CA VAL B 120 -17.47 1.67 -14.38
C VAL B 120 -17.53 3.19 -14.44
N CYS B 121 -17.89 3.72 -15.60
CA CYS B 121 -18.02 5.16 -15.77
C CYS B 121 -19.51 5.50 -15.82
N GLU B 122 -19.83 6.78 -15.62
CA GLU B 122 -21.23 7.21 -15.63
C GLU B 122 -21.32 8.68 -16.03
N PHE B 123 -22.42 9.05 -16.65
CA PHE B 123 -22.65 10.44 -17.03
C PHE B 123 -24.12 10.71 -17.29
N GLN B 124 -24.54 11.90 -16.87
CA GLN B 124 -25.92 12.35 -17.05
C GLN B 124 -25.81 13.65 -17.83
N ALA B 125 -24.59 13.97 -18.22
CA ALA B 125 -24.29 15.17 -18.98
C ALA B 125 -23.79 14.83 -20.38
N ASP C 1 -5.71 -40.95 -2.02
CA ASP C 1 -6.05 -40.59 -0.62
C ASP C 1 -5.03 -39.59 -0.10
N CYS C 2 -5.44 -38.34 0.10
CA CYS C 2 -4.52 -37.33 0.61
C CYS C 2 -4.27 -37.64 2.08
N PRO C 3 -3.09 -37.28 2.59
CA PRO C 3 -2.82 -37.58 4.01
C PRO C 3 -3.79 -36.80 4.90
N SER C 4 -4.02 -37.30 6.10
CA SER C 4 -4.95 -36.67 7.03
C SER C 4 -4.62 -35.22 7.33
N GLY C 5 -5.64 -34.36 7.25
CA GLY C 5 -5.41 -32.95 7.50
C GLY C 5 -5.29 -32.17 6.20
N TRP C 6 -5.07 -32.90 5.10
CA TRP C 6 -4.94 -32.29 3.79
C TRP C 6 -6.25 -32.43 3.00
N SER C 7 -6.57 -31.41 2.21
CA SER C 7 -7.80 -31.42 1.41
C SER C 7 -7.50 -31.65 -0.08
N SER C 8 -8.38 -32.36 -0.77
CA SER C 8 -8.17 -32.64 -2.18
C SER C 8 -8.91 -31.71 -3.13
N TYR C 9 -8.28 -31.45 -4.27
CA TYR C 9 -8.87 -30.63 -5.33
C TYR C 9 -8.17 -30.99 -6.63
N GLU C 10 -8.96 -31.28 -7.65
CA GLU C 10 -8.44 -31.65 -8.97
C GLU C 10 -7.17 -32.48 -8.97
N GLY C 11 -7.18 -33.59 -8.23
CA GLY C 11 -6.03 -34.47 -8.20
C GLY C 11 -4.83 -34.11 -7.35
N ASN C 12 -4.95 -33.10 -6.49
CA ASN C 12 -3.83 -32.72 -5.63
C ASN C 12 -4.26 -32.52 -4.18
N CYS C 13 -3.28 -32.51 -3.28
CA CYS C 13 -3.53 -32.36 -1.86
C CYS C 13 -3.07 -30.99 -1.35
N TYR C 14 -3.91 -30.34 -0.55
CA TYR C 14 -3.60 -29.01 -0.04
C TYR C 14 -3.75 -28.90 1.47
N LYS C 15 -2.94 -28.03 2.07
CA LYS C 15 -3.04 -27.81 3.50
C LYS C 15 -2.55 -26.42 3.93
N PHE C 16 -3.36 -25.77 4.76
CA PHE C 16 -3.03 -24.46 5.29
C PHE C 16 -2.29 -24.66 6.59
N PHE C 17 -1.16 -23.96 6.76
CA PHE C 17 -0.39 -24.07 7.99
C PHE C 17 -0.40 -22.72 8.70
N GLN C 18 -0.81 -22.72 9.98
CA GLN C 18 -0.89 -21.49 10.76
C GLN C 18 0.48 -20.93 11.17
N GLN C 19 1.47 -21.80 11.26
CA GLN C 19 2.83 -21.39 11.65
C GLN C 19 3.31 -20.29 10.71
N LYS C 20 4.00 -19.30 11.26
CA LYS C 20 4.52 -18.19 10.47
C LYS C 20 5.99 -18.41 10.13
N MET C 21 6.31 -18.40 8.84
CA MET C 21 7.68 -18.58 8.37
C MET C 21 7.94 -17.64 7.20
N ASN C 22 9.21 -17.28 6.96
CA ASN C 22 9.48 -16.41 5.83
C ASN C 22 9.19 -17.23 4.57
N TRP C 23 9.05 -16.56 3.43
CA TRP C 23 8.74 -17.25 2.17
C TRP C 23 9.62 -18.44 1.83
N ALA C 24 10.93 -18.23 1.84
CA ALA C 24 11.87 -19.29 1.51
C ALA C 24 11.75 -20.48 2.47
N ASP C 25 11.64 -20.20 3.77
CA ASP C 25 11.50 -21.27 4.76
C ASP C 25 10.17 -22.00 4.64
N ALA C 26 9.15 -21.30 4.19
CA ALA C 26 7.82 -21.90 4.01
C ALA C 26 7.86 -22.89 2.87
N GLU C 27 8.51 -22.49 1.79
CA GLU C 27 8.64 -23.34 0.61
C GLU C 27 9.41 -24.62 1.01
N ARG C 28 10.48 -24.45 1.79
CA ARG C 28 11.27 -25.60 2.22
C ARG C 28 10.38 -26.52 3.09
N PHE C 29 9.64 -25.91 4.00
CA PHE C 29 8.76 -26.66 4.89
C PHE C 29 7.78 -27.50 4.08
N CYS C 30 7.18 -26.91 3.06
CA CYS C 30 6.25 -27.64 2.22
C CYS C 30 6.92 -28.83 1.52
N SER C 31 8.15 -28.65 1.07
CA SER C 31 8.86 -29.73 0.39
C SER C 31 9.21 -30.86 1.36
N GLU C 32 9.22 -30.55 2.65
CA GLU C 32 9.53 -31.52 3.69
C GLU C 32 8.28 -32.26 4.17
N GLN C 33 7.13 -31.61 4.03
CA GLN C 33 5.87 -32.19 4.49
C GLN C 33 5.33 -33.33 3.62
N ALA C 34 5.71 -33.34 2.35
CA ALA C 34 5.28 -34.40 1.44
C ALA C 34 6.19 -34.34 0.23
N LYS C 35 6.52 -35.49 -0.36
CA LYS C 35 7.37 -35.41 -1.52
C LYS C 35 6.50 -34.81 -2.62
N GLY C 36 7.05 -33.83 -3.32
CA GLY C 36 6.30 -33.15 -4.35
C GLY C 36 5.64 -31.93 -3.75
N GLY C 37 5.92 -31.68 -2.48
CA GLY C 37 5.32 -30.55 -1.81
C GLY C 37 5.99 -29.22 -2.16
N HIS C 38 5.18 -28.18 -2.30
CA HIS C 38 5.65 -26.83 -2.62
C HIS C 38 4.61 -25.85 -2.08
N LEU C 39 4.99 -24.58 -2.00
CA LEU C 39 4.02 -23.58 -1.60
C LEU C 39 2.99 -23.68 -2.72
N VAL C 40 1.73 -23.50 -2.38
CA VAL C 40 0.65 -23.61 -3.36
C VAL C 40 0.78 -22.76 -4.63
N SER C 41 0.39 -23.34 -5.77
CA SER C 41 0.39 -22.60 -7.03
C SER C 41 -1.09 -22.51 -7.35
N ILE C 42 -1.52 -21.41 -7.99
CA ILE C 42 -2.94 -21.22 -8.24
C ILE C 42 -3.30 -20.77 -9.66
N LYS C 43 -4.28 -21.44 -10.28
CA LYS C 43 -4.75 -21.05 -11.60
C LYS C 43 -5.87 -20.06 -11.28
N ILE C 44 -5.52 -18.78 -11.27
CA ILE C 44 -6.46 -17.70 -10.92
C ILE C 44 -7.85 -17.78 -11.57
N TYR C 45 -7.92 -18.20 -12.82
CA TYR C 45 -9.22 -18.27 -13.51
C TYR C 45 -10.00 -19.58 -13.34
N SER C 46 -9.59 -20.40 -12.38
CA SER C 46 -10.27 -21.67 -12.16
C SER C 46 -10.92 -21.66 -10.78
N LYS C 47 -11.50 -22.79 -10.39
CA LYS C 47 -12.13 -22.90 -9.08
C LYS C 47 -11.05 -23.15 -8.03
N GLU C 48 -9.79 -23.24 -8.48
CA GLU C 48 -8.70 -23.47 -7.55
C GLU C 48 -8.54 -22.24 -6.65
N LYS C 49 -8.80 -21.06 -7.22
CA LYS C 49 -8.72 -19.80 -6.49
C LYS C 49 -9.67 -19.81 -5.28
N ASP C 50 -10.92 -20.17 -5.53
CA ASP C 50 -11.93 -20.22 -4.47
C ASP C 50 -11.64 -21.34 -3.46
N PHE C 51 -11.17 -22.47 -3.96
CA PHE C 51 -10.85 -23.61 -3.10
C PHE C 51 -9.74 -23.27 -2.10
N VAL C 52 -8.64 -22.68 -2.60
CA VAL C 52 -7.53 -22.33 -1.73
C VAL C 52 -7.92 -21.18 -0.82
N GLY C 53 -8.63 -20.19 -1.37
CA GLY C 53 -9.07 -19.07 -0.55
C GLY C 53 -9.91 -19.57 0.61
N ASP C 54 -10.77 -20.55 0.33
CA ASP C 54 -11.63 -21.14 1.36
C ASP C 54 -10.82 -21.85 2.45
N LEU C 55 -9.80 -22.60 2.05
CA LEU C 55 -8.95 -23.30 3.00
C LEU C 55 -8.31 -22.33 3.99
N VAL C 56 -7.91 -21.17 3.51
CA VAL C 56 -7.29 -20.20 4.39
C VAL C 56 -8.34 -19.50 5.25
N THR C 57 -9.39 -19.01 4.61
CA THR C 57 -10.46 -18.32 5.32
C THR C 57 -10.96 -19.12 6.51
N LYS C 58 -11.19 -20.42 6.30
CA LYS C 58 -11.71 -21.30 7.33
C LYS C 58 -10.73 -21.72 8.43
N ASN C 59 -9.44 -21.44 8.26
CA ASN C 59 -8.48 -21.88 9.26
C ASN C 59 -7.50 -20.86 9.80
N ILE C 60 -7.32 -19.76 9.08
CA ILE C 60 -6.37 -18.74 9.52
C ILE C 60 -6.86 -17.95 10.71
N GLN C 61 -5.95 -17.62 11.63
CA GLN C 61 -6.34 -16.83 12.80
C GLN C 61 -6.83 -15.49 12.27
N SER C 62 -7.85 -14.95 12.92
CA SER C 62 -8.46 -13.67 12.53
C SER C 62 -7.52 -12.49 12.37
N SER C 63 -6.39 -12.52 13.06
CA SER C 63 -5.45 -11.41 13.00
C SER C 63 -4.47 -11.41 11.83
N ASP C 64 -4.17 -12.56 11.26
CA ASP C 64 -3.23 -12.59 10.15
C ASP C 64 -3.85 -12.10 8.85
N LEU C 65 -3.15 -11.20 8.17
CA LEU C 65 -3.65 -10.63 6.93
C LEU C 65 -3.12 -11.28 5.66
N TYR C 66 -2.12 -12.16 5.77
CA TYR C 66 -1.54 -12.80 4.59
C TYR C 66 -1.21 -14.28 4.74
N ALA C 67 -1.17 -14.97 3.59
CA ALA C 67 -0.80 -16.38 3.54
C ALA C 67 0.05 -16.56 2.28
N TRP C 68 1.31 -16.95 2.44
CA TRP C 68 2.20 -17.13 1.29
C TRP C 68 1.72 -18.15 0.26
N ILE C 69 2.03 -17.89 -1.01
CA ILE C 69 1.75 -18.82 -2.10
C ILE C 69 3.09 -18.94 -2.82
N GLY C 70 3.21 -19.94 -3.70
CA GLY C 70 4.48 -20.18 -4.38
C GLY C 70 4.91 -19.28 -5.53
N LEU C 71 4.38 -18.07 -5.61
CA LEU C 71 4.77 -17.16 -6.70
C LEU C 71 5.80 -16.14 -6.22
N ARG C 72 6.82 -15.91 -7.05
CA ARG C 72 7.86 -14.95 -6.69
C ARG C 72 8.34 -14.19 -7.92
N VAL C 73 8.90 -13.01 -7.71
CA VAL C 73 9.44 -12.24 -8.81
C VAL C 73 10.66 -13.04 -9.28
N GLU C 74 10.78 -13.26 -10.58
CA GLU C 74 11.89 -14.02 -11.17
C GLU C 74 13.17 -13.21 -11.27
N ASN C 75 13.02 -11.92 -11.57
CA ASN C 75 14.15 -11.01 -11.73
C ASN C 75 15.19 -11.01 -10.62
N LYS C 76 16.46 -10.95 -10.99
CA LYS C 76 17.54 -10.93 -10.01
C LYS C 76 17.68 -9.51 -9.48
N GLU C 77 17.35 -8.53 -10.31
CA GLU C 77 17.45 -7.14 -9.88
C GLU C 77 16.47 -6.87 -8.74
N LYS C 78 16.73 -5.81 -7.97
CA LYS C 78 15.87 -5.47 -6.84
C LYS C 78 14.57 -4.77 -7.23
N GLN C 79 14.54 -4.14 -8.39
CA GLN C 79 13.32 -3.52 -8.90
C GLN C 79 13.32 -3.89 -10.38
N CYS C 80 12.16 -4.04 -10.99
CA CYS C 80 12.11 -4.54 -12.36
C CYS C 80 12.09 -3.65 -13.59
N SER C 81 12.07 -2.33 -13.41
CA SER C 81 12.07 -1.45 -14.58
C SER C 81 13.47 -1.51 -15.20
N SER C 82 13.53 -1.76 -16.51
CA SER C 82 14.79 -1.85 -17.22
C SER C 82 15.29 -0.50 -17.73
N GLU C 83 14.46 0.53 -17.61
CA GLU C 83 14.85 1.86 -18.05
C GLU C 83 14.18 2.96 -17.25
N TRP C 84 14.87 4.09 -17.17
CA TRP C 84 14.38 5.27 -16.47
C TRP C 84 13.32 5.94 -17.34
N SER C 85 12.56 6.86 -16.76
CA SER C 85 11.53 7.55 -17.52
C SER C 85 12.10 8.35 -18.70
N ASP C 86 13.39 8.71 -18.63
CA ASP C 86 14.02 9.45 -19.72
C ASP C 86 14.46 8.51 -20.85
N GLY C 87 14.21 7.22 -20.67
CA GLY C 87 14.55 6.26 -21.70
C GLY C 87 15.92 5.63 -21.58
N SER C 88 16.77 6.14 -20.68
CA SER C 88 18.10 5.54 -20.54
C SER C 88 17.98 4.22 -19.77
N SER C 89 18.85 3.27 -20.09
CA SER C 89 18.82 1.97 -19.46
C SER C 89 19.24 1.99 -18.01
N VAL C 90 18.69 1.06 -17.23
CA VAL C 90 19.02 0.94 -15.82
C VAL C 90 20.21 0.01 -15.67
N SER C 91 21.27 0.51 -15.04
CA SER C 91 22.45 -0.29 -14.81
C SER C 91 22.73 -0.18 -13.32
N TYR C 92 23.07 1.02 -12.87
CA TYR C 92 23.33 1.28 -11.46
C TYR C 92 22.01 1.17 -10.70
N GLU C 93 22.05 0.58 -9.51
CA GLU C 93 20.86 0.40 -8.69
C GLU C 93 21.32 0.41 -7.23
N ASN C 94 20.58 1.12 -6.37
CA ASN C 94 20.94 1.21 -4.94
C ASN C 94 19.66 1.19 -4.10
N VAL C 95 18.95 0.07 -4.14
CA VAL C 95 17.70 -0.10 -3.42
C VAL C 95 17.77 -0.63 -2.00
N VAL C 96 16.98 -0.03 -1.12
CA VAL C 96 16.89 -0.44 0.28
C VAL C 96 16.11 -1.74 0.30
N GLU C 97 16.82 -2.86 0.46
CA GLU C 97 16.23 -4.19 0.46
C GLU C 97 14.94 -4.41 1.25
N ARG C 98 14.63 -3.55 2.22
CA ARG C 98 13.41 -3.73 2.97
C ARG C 98 12.18 -3.34 2.16
N THR C 99 12.36 -2.47 1.16
CA THR C 99 11.23 -2.05 0.33
C THR C 99 11.10 -3.01 -0.86
N VAL C 100 11.99 -3.98 -0.93
CA VAL C 100 11.95 -4.97 -2.01
C VAL C 100 10.85 -5.96 -1.67
N LYS C 101 9.89 -6.12 -2.58
CA LYS C 101 8.77 -7.02 -2.38
C LYS C 101 8.64 -8.01 -3.52
N LYS C 102 9.33 -9.14 -3.40
CA LYS C 102 9.33 -10.14 -4.46
C LYS C 102 8.53 -11.40 -4.20
N CYS C 103 8.00 -11.55 -2.99
CA CYS C 103 7.24 -12.75 -2.62
C CYS C 103 5.74 -12.51 -2.53
N PHE C 104 4.96 -13.36 -3.18
CA PHE C 104 3.51 -13.20 -3.17
C PHE C 104 2.74 -13.96 -2.12
N ALA C 105 1.62 -13.40 -1.72
CA ALA C 105 0.73 -13.98 -0.73
C ALA C 105 -0.73 -13.64 -0.99
N LEU C 106 -1.62 -14.45 -0.45
CA LEU C 106 -3.05 -14.21 -0.56
C LEU C 106 -3.34 -13.13 0.47
N GLU C 107 -4.20 -12.17 0.11
CA GLU C 107 -4.56 -11.07 1.01
C GLU C 107 -5.89 -11.35 1.69
N LYS C 108 -6.01 -11.00 2.98
CA LYS C 108 -7.24 -11.25 3.72
C LYS C 108 -8.44 -10.52 3.10
N ASP C 109 -8.24 -9.25 2.75
CA ASP C 109 -9.31 -8.48 2.13
C ASP C 109 -9.80 -9.20 0.88
N LEU C 110 -11.11 -9.41 0.80
CA LEU C 110 -11.77 -10.08 -0.31
C LEU C 110 -11.74 -11.60 -0.27
N GLY C 111 -11.28 -12.14 0.86
CA GLY C 111 -11.29 -13.57 1.05
C GLY C 111 -10.12 -14.45 0.66
N PHE C 112 -8.92 -13.88 0.67
CA PHE C 112 -7.72 -14.64 0.34
C PHE C 112 -7.81 -15.25 -1.05
N VAL C 113 -8.32 -14.49 -2.01
CA VAL C 113 -8.43 -14.95 -3.40
C VAL C 113 -7.58 -14.08 -4.33
N LEU C 114 -7.17 -12.91 -3.86
CA LEU C 114 -6.33 -12.01 -4.64
C LEU C 114 -4.90 -12.00 -4.09
N TRP C 115 -3.92 -11.67 -4.94
CA TRP C 115 -2.53 -11.68 -4.50
C TRP C 115 -1.90 -10.32 -4.28
N ILE C 116 -0.80 -10.31 -3.54
CA ILE C 116 -0.05 -9.08 -3.29
C ILE C 116 1.40 -9.48 -3.01
N ASN C 117 2.35 -8.65 -3.45
CA ASN C 117 3.75 -8.94 -3.24
C ASN C 117 4.26 -8.26 -1.97
N LEU C 118 5.04 -9.02 -1.20
CA LEU C 118 5.58 -8.57 0.08
C LEU C 118 7.07 -8.80 0.23
N TYR C 119 7.65 -8.16 1.25
CA TYR C 119 9.06 -8.31 1.58
C TYR C 119 9.20 -9.80 1.92
N CYS C 120 10.08 -10.49 1.20
CA CYS C 120 10.27 -11.93 1.37
C CYS C 120 10.67 -12.42 2.76
N ALA C 121 11.27 -11.54 3.56
CA ALA C 121 11.73 -11.91 4.89
C ALA C 121 10.62 -11.85 5.95
N GLN C 122 9.44 -11.38 5.56
CA GLN C 122 8.30 -11.31 6.46
C GLN C 122 7.92 -12.75 6.80
N LYS C 123 7.40 -12.98 8.00
CA LYS C 123 6.97 -14.34 8.36
C LYS C 123 5.45 -14.36 8.39
N ASN C 124 4.88 -15.24 7.58
CA ASN C 124 3.42 -15.37 7.45
C ASN C 124 2.99 -16.83 7.39
N PRO C 125 1.70 -17.10 7.66
CA PRO C 125 1.28 -18.50 7.59
C PRO C 125 1.27 -18.80 6.09
N PHE C 126 0.93 -20.02 5.70
CA PHE C 126 0.99 -20.34 4.28
C PHE C 126 0.20 -21.58 3.90
N VAL C 127 0.18 -21.85 2.60
CA VAL C 127 -0.53 -23.02 2.07
C VAL C 127 0.41 -23.90 1.23
N CYS C 128 0.42 -25.20 1.52
CA CYS C 128 1.25 -26.15 0.76
C CYS C 128 0.37 -26.94 -0.21
N LYS C 129 1.00 -27.47 -1.26
CA LYS C 129 0.31 -28.26 -2.27
C LYS C 129 1.21 -29.43 -2.66
N SER C 130 0.64 -30.60 -2.85
CA SER C 130 1.43 -31.77 -3.21
C SER C 130 0.62 -32.77 -4.03
N PRO C 131 1.31 -33.63 -4.80
CA PRO C 131 0.58 -34.61 -5.60
C PRO C 131 0.12 -35.66 -4.59
N PRO C 132 -0.91 -36.44 -4.92
CA PRO C 132 -1.35 -37.45 -3.95
C PRO C 132 -0.24 -38.45 -3.67
N PRO C 133 -0.23 -39.06 -2.47
CA PRO C 133 0.82 -40.04 -2.14
C PRO C 133 0.61 -41.38 -2.84
N ASP D 1 23.47 24.30 -23.14
CA ASP D 1 23.25 25.64 -22.53
C ASP D 1 21.98 25.61 -21.69
N CYS D 2 22.13 25.35 -20.40
CA CYS D 2 20.98 25.27 -19.50
C CYS D 2 20.62 26.58 -18.79
N PRO D 3 19.34 26.95 -18.82
CA PRO D 3 18.86 28.17 -18.17
C PRO D 3 19.18 28.17 -16.69
N PRO D 4 19.19 29.36 -16.06
CA PRO D 4 19.49 29.51 -14.63
C PRO D 4 18.64 28.61 -13.73
N ASP D 5 19.08 28.48 -12.48
CA ASP D 5 18.40 27.66 -11.49
C ASP D 5 18.67 26.18 -11.68
N TRP D 6 18.95 25.77 -12.91
CA TRP D 6 19.26 24.37 -13.21
C TRP D 6 20.78 24.18 -13.17
N SER D 7 21.29 23.49 -12.15
CA SER D 7 22.72 23.24 -12.01
C SER D 7 23.19 22.15 -12.98
N SER D 8 24.50 22.08 -13.24
CA SER D 8 25.02 21.08 -14.19
C SER D 8 26.13 20.16 -13.69
N TYR D 9 26.21 18.98 -14.31
CA TYR D 9 27.20 17.95 -13.97
C TYR D 9 27.39 16.99 -15.14
N GLU D 10 28.65 16.82 -15.55
CA GLU D 10 29.02 15.94 -16.65
C GLU D 10 28.11 15.95 -17.88
N GLY D 11 27.91 17.14 -18.44
CA GLY D 11 27.10 17.26 -19.65
C GLY D 11 25.60 17.35 -19.48
N HIS D 12 25.10 17.00 -18.29
CA HIS D 12 23.66 17.06 -18.05
C HIS D 12 23.35 18.18 -17.07
N CYS D 13 22.08 18.49 -16.97
CA CYS D 13 21.64 19.53 -16.05
C CYS D 13 20.55 19.02 -15.15
N TYR D 14 20.64 19.37 -13.88
CA TYR D 14 19.68 18.92 -12.89
C TYR D 14 19.16 20.08 -12.06
N ARG D 15 17.94 19.94 -11.55
CA ARG D 15 17.35 20.97 -10.71
C ARG D 15 16.35 20.39 -9.72
N PHE D 16 16.55 20.72 -8.46
CA PHE D 16 15.67 20.26 -7.37
C PHE D 16 14.44 21.16 -7.39
N PHE D 17 13.26 20.58 -7.17
CA PHE D 17 12.03 21.37 -7.14
C PHE D 17 11.32 21.16 -5.81
N LYS D 18 10.87 22.26 -5.22
CA LYS D 18 10.19 22.21 -3.93
C LYS D 18 8.68 22.03 -4.02
N GLU D 19 8.20 21.44 -5.12
CA GLU D 19 6.78 21.19 -5.25
C GLU D 19 6.51 19.80 -4.68
N TRP D 20 5.31 19.59 -4.16
CA TRP D 20 4.93 18.31 -3.61
C TRP D 20 3.93 17.67 -4.56
N MET D 21 4.38 16.64 -5.28
CA MET D 21 3.50 15.98 -6.26
C MET D 21 3.63 14.46 -6.28
N HIS D 22 2.60 13.82 -6.85
CA HIS D 22 2.57 12.37 -7.04
C HIS D 22 3.61 12.11 -8.13
N TRP D 23 4.12 10.88 -8.22
CA TRP D 23 5.12 10.56 -9.24
C TRP D 23 4.71 10.96 -10.65
N ASP D 24 3.51 10.53 -11.07
CA ASP D 24 3.02 10.88 -12.40
C ASP D 24 3.06 12.38 -12.66
N ASP D 25 2.58 13.17 -11.71
CA ASP D 25 2.58 14.62 -11.87
C ASP D 25 3.99 15.21 -11.89
N ALA D 26 4.88 14.64 -11.09
CA ALA D 26 6.26 15.12 -11.04
C ALA D 26 6.93 14.87 -12.39
N GLU D 27 6.79 13.65 -12.90
CA GLU D 27 7.36 13.28 -14.19
C GLU D 27 6.82 14.21 -15.27
N GLU D 28 5.50 14.33 -15.34
CA GLU D 28 4.85 15.19 -16.32
C GLU D 28 5.37 16.62 -16.19
N PHE D 29 5.40 17.11 -14.97
CA PHE D 29 5.90 18.45 -14.69
C PHE D 29 7.29 18.65 -15.27
N CYS D 30 8.17 17.68 -15.07
CA CYS D 30 9.53 17.76 -15.58
C CYS D 30 9.59 17.91 -17.09
N THR D 31 8.69 17.21 -17.80
CA THR D 31 8.66 17.25 -19.25
C THR D 31 8.10 18.55 -19.78
N GLU D 32 7.37 19.28 -18.93
CA GLU D 32 6.77 20.54 -19.32
C GLU D 32 7.60 21.76 -18.91
N GLN D 33 8.81 21.52 -18.41
CA GLN D 33 9.69 22.60 -18.01
C GLN D 33 10.62 22.94 -19.15
N GLN D 34 11.27 21.91 -19.68
CA GLN D 34 12.19 22.06 -20.79
C GLN D 34 12.03 20.85 -21.70
N THR D 35 12.27 21.04 -23.00
CA THR D 35 12.12 19.95 -23.95
C THR D 35 13.01 18.76 -23.59
N GLY D 36 12.42 17.56 -23.60
CA GLY D 36 13.16 16.35 -23.29
C GLY D 36 13.55 16.13 -21.84
N ALA D 37 13.10 16.98 -20.92
CA ALA D 37 13.44 16.81 -19.51
C ALA D 37 12.56 15.75 -18.86
N HIS D 38 13.11 15.08 -17.85
CA HIS D 38 12.39 14.03 -17.14
C HIS D 38 12.83 14.01 -15.68
N LEU D 39 12.27 13.09 -14.90
CA LEU D 39 12.67 12.96 -13.52
C LEU D 39 14.10 12.48 -13.63
N VAL D 40 14.93 12.85 -12.66
CA VAL D 40 16.34 12.49 -12.66
C VAL D 40 16.59 10.99 -12.78
N SER D 41 17.65 10.63 -13.48
CA SER D 41 18.04 9.22 -13.66
C SER D 41 19.48 9.04 -13.18
N PHE D 42 19.73 8.02 -12.36
CA PHE D 42 21.07 7.76 -11.83
C PHE D 42 21.80 6.65 -12.58
N GLN D 43 22.88 7.01 -13.27
CA GLN D 43 23.66 6.03 -14.01
C GLN D 43 24.93 5.66 -13.23
N SER D 44 25.18 6.36 -12.12
CA SER D 44 26.37 6.11 -11.31
C SER D 44 26.24 6.67 -9.90
N LYS D 45 26.93 6.04 -8.96
CA LYS D 45 26.92 6.50 -7.57
C LYS D 45 27.39 7.94 -7.51
N GLU D 46 28.28 8.31 -8.43
CA GLU D 46 28.82 9.67 -8.49
C GLU D 46 27.74 10.67 -8.89
N GLU D 47 26.92 10.29 -9.87
CA GLU D 47 25.85 11.18 -10.32
C GLU D 47 24.84 11.40 -9.20
N ALA D 48 24.61 10.38 -8.38
CA ALA D 48 23.68 10.49 -7.28
C ALA D 48 24.30 11.36 -6.18
N ASP D 49 25.61 11.25 -6.00
CA ASP D 49 26.30 12.06 -5.00
C ASP D 49 26.12 13.54 -5.35
N PHE D 50 26.23 13.87 -6.64
CA PHE D 50 26.07 15.24 -7.09
C PHE D 50 24.68 15.75 -6.80
N VAL D 51 23.68 15.07 -7.36
CA VAL D 51 22.29 15.46 -7.17
C VAL D 51 21.97 15.64 -5.68
N ARG D 52 22.56 14.80 -4.84
CA ARG D 52 22.34 14.89 -3.40
C ARG D 52 22.70 16.28 -2.89
N SER D 53 23.66 16.92 -3.55
CA SER D 53 24.12 18.25 -3.15
C SER D 53 23.17 19.37 -3.60
N LEU D 54 22.03 19.01 -4.17
CA LEU D 54 21.08 20.01 -4.63
C LEU D 54 19.78 19.98 -3.83
N THR D 55 19.63 18.96 -2.99
CA THR D 55 18.43 18.80 -2.17
C THR D 55 18.43 19.69 -0.92
N SER D 56 19.25 20.73 -0.93
CA SER D 56 19.37 21.65 0.19
C SER D 56 18.05 22.17 0.74
N GLU D 57 17.14 22.56 -0.16
CA GLU D 57 15.84 23.10 0.24
C GLU D 57 14.84 21.97 0.48
N MET D 58 15.11 21.14 1.49
CA MET D 58 14.21 20.03 1.78
C MET D 58 14.22 19.64 3.25
N LEU D 59 13.12 19.05 3.69
CA LEU D 59 12.99 18.58 5.07
C LEU D 59 13.76 17.27 5.04
N LYS D 60 14.09 16.69 6.19
CA LYS D 60 14.82 15.44 6.12
C LYS D 60 14.07 14.21 6.62
N GLY D 61 14.67 13.05 6.35
CA GLY D 61 14.05 11.79 6.73
C GLY D 61 13.09 11.49 5.61
N ASP D 62 12.97 12.45 4.69
CA ASP D 62 12.08 12.33 3.54
C ASP D 62 12.85 11.93 2.28
N VAL D 63 12.11 11.60 1.22
CA VAL D 63 12.72 11.16 -0.02
C VAL D 63 12.36 12.03 -1.22
N VAL D 64 13.10 11.84 -2.31
CA VAL D 64 12.90 12.61 -3.54
C VAL D 64 12.61 11.65 -4.69
N TRP D 65 11.61 11.97 -5.51
CA TRP D 65 11.28 11.10 -6.64
C TRP D 65 12.42 11.03 -7.66
N ILE D 66 12.66 9.84 -8.20
CA ILE D 66 13.63 9.67 -9.27
C ILE D 66 12.84 8.94 -10.35
N GLY D 67 13.40 8.87 -11.56
CA GLY D 67 12.68 8.29 -12.68
C GLY D 67 12.38 6.83 -12.89
N LEU D 68 11.89 6.12 -11.87
CA LEU D 68 11.54 4.70 -12.01
C LEU D 68 10.11 4.48 -11.50
N SER D 69 9.28 3.83 -12.30
CA SER D 69 7.87 3.59 -11.92
C SER D 69 7.32 2.21 -12.29
N ASP D 70 6.23 1.83 -11.61
CA ASP D 70 5.55 0.55 -11.82
C ASP D 70 6.59 -0.56 -11.78
N VAL D 71 7.51 -0.46 -10.83
CA VAL D 71 8.63 -1.40 -10.71
C VAL D 71 8.31 -2.86 -10.40
N TRP D 72 7.09 -3.15 -9.97
CA TRP D 72 6.72 -4.54 -9.68
C TRP D 72 5.95 -5.20 -10.83
N ASN D 73 5.05 -4.45 -11.45
CA ASN D 73 4.30 -5.02 -12.57
C ASN D 73 5.18 -5.27 -13.79
N LYS D 74 6.34 -4.62 -13.81
CA LYS D 74 7.29 -4.78 -14.90
C LYS D 74 8.11 -6.06 -14.76
N CYS D 75 7.90 -6.78 -13.66
CA CYS D 75 8.64 -8.01 -13.38
C CYS D 75 8.17 -9.25 -14.13
N ARG D 76 8.99 -10.30 -14.04
CA ARG D 76 8.66 -11.61 -14.58
C ARG D 76 8.32 -12.36 -13.29
N PHE D 77 7.47 -13.39 -13.36
CA PHE D 77 7.10 -14.18 -12.17
C PHE D 77 7.19 -15.69 -12.50
N GLU D 78 7.36 -16.56 -11.48
CA GLU D 78 7.40 -18.01 -11.76
C GLU D 78 6.95 -18.75 -10.47
N TRP D 79 6.35 -19.91 -10.59
CA TRP D 79 5.90 -20.62 -9.40
C TRP D 79 7.07 -21.50 -8.93
N THR D 80 7.03 -22.00 -7.69
CA THR D 80 8.09 -22.89 -7.24
C THR D 80 7.90 -24.32 -7.74
N ASP D 81 6.68 -24.65 -8.17
CA ASP D 81 6.44 -25.99 -8.68
C ASP D 81 6.48 -25.99 -10.19
N GLY D 82 5.99 -27.05 -10.81
CA GLY D 82 6.02 -27.10 -12.26
C GLY D 82 5.06 -26.20 -13.01
N MET D 83 4.24 -25.42 -12.31
CA MET D 83 3.27 -24.57 -13.01
C MET D 83 3.91 -23.39 -13.75
N GLU D 84 3.47 -23.19 -14.99
CA GLU D 84 4.00 -22.09 -15.79
C GLU D 84 3.14 -20.86 -15.54
N PHE D 85 3.78 -19.70 -15.52
CA PHE D 85 3.05 -18.47 -15.29
C PHE D 85 2.48 -17.93 -16.61
N ASP D 86 1.19 -17.63 -16.62
CA ASP D 86 0.54 -17.14 -17.83
C ASP D 86 0.43 -15.61 -17.88
N TYR D 87 1.22 -14.98 -18.75
CA TYR D 87 1.16 -13.52 -18.87
C TYR D 87 0.06 -13.18 -19.87
N LEU D 92 -1.74 -7.16 -14.36
CA LEU D 92 -1.19 -6.24 -13.33
C LEU D 92 -1.56 -6.73 -11.92
N ILE D 93 -0.72 -7.59 -11.36
CA ILE D 93 -0.96 -8.15 -10.04
C ILE D 93 -0.34 -7.40 -8.87
N ALA D 94 0.39 -6.32 -9.17
CA ALA D 94 1.03 -5.53 -8.12
C ALA D 94 0.50 -4.10 -8.07
N GLU D 95 0.80 -3.41 -6.98
CA GLU D 95 0.40 -2.02 -6.81
C GLU D 95 1.34 -1.12 -7.60
N TYR D 96 0.85 0.05 -7.99
CA TYR D 96 1.65 1.03 -8.72
C TYR D 96 2.64 1.64 -7.74
N GLU D 97 3.87 1.13 -7.75
CA GLU D 97 4.91 1.64 -6.86
C GLU D 97 6.04 2.28 -7.65
N CYS D 98 6.64 3.30 -7.05
CA CYS D 98 7.69 4.10 -7.68
C CYS D 98 8.92 4.25 -6.79
N VAL D 99 10.00 4.76 -7.36
CA VAL D 99 11.24 4.91 -6.60
C VAL D 99 11.59 6.35 -6.22
N ALA D 100 11.96 6.53 -4.95
CA ALA D 100 12.38 7.82 -4.42
C ALA D 100 13.72 7.59 -3.71
N SER D 101 14.61 8.58 -3.77
CA SER D 101 15.92 8.46 -3.14
C SER D 101 16.02 9.32 -1.88
N LYS D 102 16.64 8.78 -0.83
CA LYS D 102 16.81 9.53 0.42
C LYS D 102 18.19 10.19 0.34
N PRO D 103 18.22 11.52 0.18
CA PRO D 103 19.47 12.29 0.07
C PRO D 103 20.50 12.22 1.22
N THR D 104 20.28 11.39 2.22
CA THR D 104 21.26 11.28 3.29
C THR D 104 22.37 10.37 2.80
N ASN D 105 22.00 9.12 2.53
CA ASN D 105 22.96 8.14 2.04
C ASN D 105 22.63 7.65 0.63
N ASN D 106 21.77 8.40 -0.07
CA ASN D 106 21.38 8.07 -1.45
C ASN D 106 20.75 6.70 -1.71
N LYS D 107 20.28 6.02 -0.67
CA LYS D 107 19.65 4.71 -0.86
C LYS D 107 18.26 4.94 -1.46
N TRP D 108 17.76 3.98 -2.23
CA TRP D 108 16.45 4.11 -2.86
C TRP D 108 15.33 3.36 -2.16
N TRP D 109 14.19 4.03 -1.98
CA TRP D 109 13.03 3.42 -1.35
C TRP D 109 11.93 3.28 -2.40
N ILE D 110 11.27 2.14 -2.40
CA ILE D 110 10.18 1.85 -3.33
C ILE D 110 8.88 2.08 -2.55
N ILE D 111 8.11 3.06 -2.99
CA ILE D 111 6.89 3.43 -2.30
C ILE D 111 5.71 3.65 -3.25
N PRO D 112 4.49 3.82 -2.71
CA PRO D 112 3.32 4.04 -3.57
C PRO D 112 3.54 5.29 -4.41
N CYS D 113 3.23 5.20 -5.70
CA CYS D 113 3.44 6.33 -6.60
C CYS D 113 2.55 7.52 -6.28
N THR D 114 1.59 7.31 -5.38
CA THR D 114 0.65 8.37 -4.99
C THR D 114 1.14 9.24 -3.84
N ARG D 115 2.33 8.96 -3.34
CA ARG D 115 2.89 9.77 -2.27
C ARG D 115 3.28 11.12 -2.86
N PHE D 116 3.12 12.19 -2.10
CA PHE D 116 3.51 13.53 -2.56
C PHE D 116 4.94 13.75 -2.10
N LYS D 117 5.86 13.96 -3.05
CA LYS D 117 7.26 14.18 -2.70
C LYS D 117 7.88 15.28 -3.54
N ASN D 118 9.03 15.79 -3.09
CA ASN D 118 9.73 16.79 -3.88
C ASN D 118 10.45 15.93 -4.92
N PHE D 119 11.04 16.55 -5.92
CA PHE D 119 11.72 15.79 -6.96
C PHE D 119 12.83 16.56 -7.65
N VAL D 120 13.57 15.86 -8.51
CA VAL D 120 14.68 16.44 -9.26
C VAL D 120 14.43 16.17 -10.75
N CYS D 121 14.56 17.19 -11.59
CA CYS D 121 14.38 17.00 -13.02
C CYS D 121 15.76 16.99 -13.67
N GLU D 122 15.84 16.43 -14.87
CA GLU D 122 17.11 16.33 -15.57
C GLU D 122 16.95 16.34 -17.08
N PHE D 123 18.03 16.74 -17.78
CA PHE D 123 17.99 16.78 -19.24
C PHE D 123 19.40 16.97 -19.81
N GLN D 124 19.53 16.67 -21.11
CA GLN D 124 20.80 16.78 -21.81
C GLN D 124 20.99 18.10 -22.53
N ALA D 125 22.20 18.65 -22.45
CA ALA D 125 22.53 19.89 -23.13
C ALA D 125 23.52 19.55 -24.23
#